data_6IN4
#
_entry.id   6IN4
#
_cell.length_a   46.675
_cell.length_b   62.360
_cell.length_c   88.428
_cell.angle_alpha   90.00
_cell.angle_beta   90.00
_cell.angle_gamma   90.00
#
_symmetry.space_group_name_H-M   'P 21 21 21'
#
loop_
_entity.id
_entity.type
_entity.pdbx_description
1 polymer 'Death-associated protein kinase 1'
2 non-polymer 'SULFATE ION'
3 water water
#
_entity_poly.entity_id   1
_entity_poly.type   'polypeptide(L)'
_entity_poly.pdbx_seq_one_letter_code
;MTVFRQENVDDYYDTGEELGSGQFAVVKKCREKSTGLQYAAKFIKKRRTKSSRRGVSREDIEREVSILKEIQHPNVITLH
EVYENKTDVILILELVAGGELFDFLAEKESLTEEEATEFLKQILNGVYYLHSLQIAHFDLKPENIMLLDRNVPKPRIKII
DFGLAHKIDFGNEFKNIFGTPEFVAPEIVNYEPLGLEADMWSIGVITYILLSGASPFLGDTKQETLANVSAVNYEFEDEY
FSNTSALAKDFIRRLLVKDPKKRMTIQDSLQHPWIKPKDTQQALSLEHHHHHH
;
_entity_poly.pdbx_strand_id   A
#
loop_
_chem_comp.id
_chem_comp.type
_chem_comp.name
_chem_comp.formula
SO4 non-polymer 'SULFATE ION' 'O4 S -2'
#
# COMPACT_ATOMS: atom_id res chain seq x y z
N THR A 2 1.37 -5.35 23.78
CA THR A 2 1.85 -6.66 23.40
C THR A 2 3.36 -6.59 23.24
N VAL A 3 4.06 -7.60 23.73
CA VAL A 3 5.51 -7.60 23.66
C VAL A 3 5.97 -8.62 22.62
N PHE A 4 7.17 -8.42 22.14
CA PHE A 4 7.76 -9.23 21.08
C PHE A 4 9.02 -9.90 21.59
N ARG A 5 9.63 -10.73 20.73
CA ARG A 5 10.81 -11.49 21.12
C ARG A 5 11.99 -10.56 21.37
N GLN A 6 12.59 -10.67 22.54
CA GLN A 6 13.62 -9.74 22.96
C GLN A 6 15.02 -10.34 22.95
N GLU A 7 15.17 -11.55 22.44
CA GLU A 7 16.51 -12.04 22.11
C GLU A 7 17.08 -11.20 20.97
N ASN A 8 18.41 -11.21 20.85
CA ASN A 8 19.05 -10.44 19.80
C ASN A 8 18.75 -11.09 18.45
N VAL A 9 18.17 -10.31 17.53
CA VAL A 9 17.81 -10.84 16.22
C VAL A 9 19.04 -11.40 15.51
N ASP A 10 20.22 -10.83 15.78
CA ASP A 10 21.45 -11.30 15.14
C ASP A 10 21.85 -12.70 15.60
N ASP A 11 21.29 -13.20 16.69
CA ASP A 11 21.56 -14.58 17.09
C ASP A 11 20.79 -15.58 16.26
N TYR A 12 19.76 -15.13 15.55
CA TYR A 12 18.90 -16.02 14.79
C TYR A 12 18.86 -15.71 13.30
N TYR A 13 19.35 -14.55 12.87
CA TYR A 13 19.34 -14.15 11.47
C TYR A 13 20.65 -13.46 11.12
N ASP A 14 21.06 -13.60 9.87
CA ASP A 14 22.14 -12.83 9.29
C ASP A 14 21.55 -11.87 8.26
N THR A 15 21.90 -10.59 8.35
CA THR A 15 21.38 -9.60 7.42
C THR A 15 22.34 -9.40 6.25
N GLY A 16 21.78 -8.99 5.11
CA GLY A 16 22.55 -8.74 3.92
C GLY A 16 22.21 -7.42 3.25
N GLU A 17 21.92 -7.45 1.96
CA GLU A 17 21.71 -6.23 1.21
C GLU A 17 20.46 -5.51 1.68
N GLU A 18 20.48 -4.19 1.55
CA GLU A 18 19.33 -3.38 1.91
C GLU A 18 18.30 -3.42 0.79
N LEU A 19 17.02 -3.56 1.16
CA LEU A 19 15.95 -3.69 0.18
C LEU A 19 15.07 -2.47 0.07
N GLY A 20 14.97 -1.65 1.12
CA GLY A 20 14.04 -0.55 1.16
C GLY A 20 14.31 0.29 2.39
N SER A 21 13.73 1.50 2.39
CA SER A 21 14.19 2.52 3.33
C SER A 21 13.22 3.69 3.41
N GLY A 22 12.54 3.85 4.54
CA GLY A 22 11.60 4.92 4.73
C GLY A 22 12.00 5.92 5.79
N GLN A 23 11.03 6.69 6.30
CA GLN A 23 11.34 7.76 7.24
C GLN A 23 11.92 7.21 8.55
N PHE A 24 11.24 6.22 9.15
CA PHE A 24 11.71 5.63 10.40
C PHE A 24 11.90 4.12 10.30
N ALA A 25 12.20 3.60 9.10
CA ALA A 25 12.37 2.16 8.93
C ALA A 25 13.35 1.89 7.81
N VAL A 26 14.12 0.83 7.97
CA VAL A 26 14.99 0.32 6.91
C VAL A 26 14.72 -1.17 6.78
N VAL A 27 14.77 -1.68 5.55
CA VAL A 27 14.50 -3.09 5.27
C VAL A 27 15.77 -3.74 4.75
N LYS A 28 16.19 -4.82 5.41
CA LYS A 28 17.39 -5.55 5.07
C LYS A 28 17.02 -6.98 4.71
N LYS A 29 17.60 -7.49 3.63
CA LYS A 29 17.49 -8.91 3.35
C LYS A 29 18.13 -9.70 4.49
N CYS A 30 17.57 -10.85 4.82
CA CYS A 30 18.14 -11.63 5.90
C CYS A 30 17.92 -13.11 5.66
N ARG A 31 18.65 -13.92 6.43
CA ARG A 31 18.59 -15.37 6.32
C ARG A 31 18.49 -15.95 7.72
N GLU A 32 17.48 -16.79 7.94
CA GLU A 32 17.33 -17.44 9.23
C GLU A 32 18.38 -18.54 9.39
N LYS A 33 19.11 -18.48 10.50
CA LYS A 33 20.19 -19.45 10.72
C LYS A 33 19.66 -20.87 10.81
N SER A 34 18.49 -21.06 11.43
CA SER A 34 18.03 -22.43 11.71
C SER A 34 17.55 -23.16 10.46
N THR A 35 17.07 -22.44 9.44
CA THR A 35 16.42 -23.05 8.29
C THR A 35 17.06 -22.71 6.96
N GLY A 36 17.92 -21.70 6.91
CA GLY A 36 18.44 -21.19 5.65
C GLY A 36 17.44 -20.41 4.82
N LEU A 37 16.21 -20.24 5.30
CA LEU A 37 15.20 -19.53 4.55
C LEU A 37 15.39 -18.03 4.67
N GLN A 38 14.98 -17.32 3.63
CA GLN A 38 15.28 -15.91 3.51
C GLN A 38 14.02 -15.07 3.71
N TYR A 39 14.24 -13.89 4.29
CA TYR A 39 13.20 -12.98 4.72
C TYR A 39 13.70 -11.56 4.51
N ALA A 40 12.83 -10.61 4.80
CA ALA A 40 13.18 -9.20 4.79
C ALA A 40 12.94 -8.69 6.20
N ALA A 41 13.97 -8.15 6.83
CA ALA A 41 13.88 -7.65 8.20
C ALA A 41 13.63 -6.14 8.13
N LYS A 42 12.50 -5.69 8.66
CA LYS A 42 12.14 -4.28 8.67
C LYS A 42 12.39 -3.73 10.07
N PHE A 43 13.40 -2.88 10.21
CA PHE A 43 13.75 -2.27 11.50
C PHE A 43 12.99 -0.95 11.62
N ILE A 44 12.02 -0.88 12.54
CA ILE A 44 11.22 0.31 12.77
C ILE A 44 11.72 1.02 14.02
N LYS A 45 12.03 2.30 13.91
CA LYS A 45 12.59 3.03 15.03
C LYS A 45 11.48 3.38 16.02
N LYS A 46 11.70 3.04 17.29
CA LYS A 46 10.76 3.35 18.35
C LYS A 46 10.87 4.81 18.78
N ARG A 47 9.74 5.38 19.19
CA ARG A 47 9.75 6.66 19.89
C ARG A 47 10.51 6.50 21.20
N ARG A 48 11.32 7.52 21.52
CA ARG A 48 12.11 7.52 22.75
C ARG A 48 11.38 8.15 23.91
N THR A 49 10.46 9.08 23.65
CA THR A 49 9.69 9.72 24.72
C THR A 49 8.23 9.78 24.31
N LYS A 50 7.38 10.12 25.28
CA LYS A 50 5.95 10.10 25.04
C LYS A 50 5.53 11.12 24.00
N SER A 51 6.19 12.28 23.96
CA SER A 51 5.78 13.38 23.09
C SER A 51 6.72 13.61 21.93
N SER A 52 7.70 12.74 21.73
CA SER A 52 8.62 12.91 20.62
C SER A 52 7.88 12.75 19.29
N ARG A 53 8.45 13.37 18.26
CA ARG A 53 7.96 13.22 16.89
C ARG A 53 8.79 12.25 16.08
N ARG A 54 10.01 11.95 16.51
CA ARG A 54 10.84 10.97 15.84
C ARG A 54 10.48 9.57 16.31
N GLY A 55 10.61 8.60 15.40
CA GLY A 55 10.23 7.23 15.70
C GLY A 55 8.74 7.02 15.58
N VAL A 56 8.35 5.74 15.60
CA VAL A 56 6.96 5.34 15.48
C VAL A 56 6.42 4.99 16.86
N SER A 57 5.22 5.52 17.18
CA SER A 57 4.62 5.24 18.48
C SER A 57 4.33 3.75 18.62
N ARG A 58 4.37 3.25 19.85
CA ARG A 58 4.10 1.82 20.05
C ARG A 58 2.69 1.46 19.62
N GLU A 59 1.73 2.36 19.83
CA GLU A 59 0.38 2.12 19.36
C GLU A 59 0.37 1.86 17.85
N ASP A 60 1.12 2.66 17.09
CA ASP A 60 1.16 2.47 15.64
C ASP A 60 1.88 1.19 15.24
N ILE A 61 3.01 0.88 15.91
CA ILE A 61 3.71 -0.37 15.62
C ILE A 61 2.82 -1.57 15.91
N GLU A 62 2.15 -1.55 17.06
CA GLU A 62 1.31 -2.69 17.42
C GLU A 62 0.15 -2.86 16.45
N ARG A 63 -0.40 -1.76 15.96
CA ARG A 63 -1.48 -1.85 14.99
C ARG A 63 -0.99 -2.54 13.71
N GLU A 64 0.16 -2.12 13.20
CA GLU A 64 0.72 -2.73 12.00
C GLU A 64 1.00 -4.22 12.21
N VAL A 65 1.56 -4.57 13.36
CA VAL A 65 1.86 -5.98 13.61
C VAL A 65 0.57 -6.79 13.72
N SER A 66 -0.44 -6.26 14.40
CA SER A 66 -1.69 -7.01 14.57
C SER A 66 -2.36 -7.26 13.21
N ILE A 67 -2.34 -6.25 12.34
CA ILE A 67 -2.93 -6.41 11.01
C ILE A 67 -2.15 -7.43 10.20
N LEU A 68 -0.81 -7.31 10.20
CA LEU A 68 0.02 -8.23 9.44
C LEU A 68 -0.17 -9.67 9.92
N LYS A 69 -0.36 -9.88 11.22
CA LYS A 69 -0.56 -11.24 11.69
C LYS A 69 -1.84 -11.87 11.15
N GLU A 70 -2.82 -11.05 10.75
CA GLU A 70 -4.10 -11.59 10.28
C GLU A 70 -4.03 -12.12 8.85
N ILE A 71 -3.12 -11.61 8.03
CA ILE A 71 -3.23 -11.77 6.59
C ILE A 71 -2.45 -12.99 6.10
N GLN A 72 -3.12 -13.82 5.31
CA GLN A 72 -2.44 -14.87 4.55
C GLN A 72 -3.11 -14.90 3.18
N HIS A 73 -2.45 -14.31 2.18
CA HIS A 73 -2.98 -14.23 0.84
C HIS A 73 -1.79 -14.11 -0.09
N PRO A 74 -1.84 -14.71 -1.28
CA PRO A 74 -0.68 -14.67 -2.18
C PRO A 74 -0.33 -13.28 -2.66
N ASN A 75 -1.24 -12.32 -2.59
CA ASN A 75 -0.95 -10.98 -3.10
C ASN A 75 -0.68 -9.97 -2.01
N VAL A 76 -0.45 -10.41 -0.78
CA VAL A 76 -0.10 -9.50 0.31
C VAL A 76 1.08 -10.09 1.06
N ILE A 77 1.98 -9.21 1.50
CA ILE A 77 3.16 -9.66 2.23
C ILE A 77 2.72 -10.31 3.54
N THR A 78 3.47 -11.34 3.96
CA THR A 78 3.15 -12.04 5.19
C THR A 78 4.24 -11.79 6.23
N LEU A 79 3.86 -11.94 7.49
CA LEU A 79 4.73 -11.69 8.63
C LEU A 79 5.18 -13.03 9.20
N HIS A 80 6.47 -13.17 9.42
CA HIS A 80 7.05 -14.39 9.95
C HIS A 80 7.26 -14.34 11.45
N GLU A 81 7.91 -13.29 11.96
CA GLU A 81 8.27 -13.16 13.36
C GLU A 81 8.38 -11.68 13.68
N VAL A 82 8.31 -11.34 14.97
CA VAL A 82 8.60 -9.97 15.42
C VAL A 82 9.58 -10.02 16.59
N TYR A 83 10.68 -9.25 16.47
CA TYR A 83 11.64 -9.04 17.53
C TYR A 83 11.62 -7.58 17.95
N GLU A 84 12.18 -7.29 19.13
CA GLU A 84 12.31 -5.90 19.54
C GLU A 84 13.47 -5.73 20.51
N ASN A 85 13.98 -4.51 20.56
CA ASN A 85 14.93 -4.09 21.59
C ASN A 85 14.58 -2.65 21.95
N LYS A 86 15.48 -1.98 22.69
CA LYS A 86 15.16 -0.65 23.19
C LYS A 86 14.99 0.37 22.07
N THR A 87 15.62 0.14 20.93
CA THR A 87 15.61 1.13 19.85
C THR A 87 14.66 0.79 18.70
N ASP A 88 14.43 -0.49 18.42
CA ASP A 88 13.71 -0.87 17.21
C ASP A 88 12.71 -1.98 17.53
N VAL A 89 11.65 -2.03 16.71
CA VAL A 89 10.89 -3.27 16.49
C VAL A 89 11.35 -3.79 15.14
N ILE A 90 11.58 -5.10 15.06
CA ILE A 90 12.12 -5.71 13.85
C ILE A 90 11.08 -6.71 13.36
N LEU A 91 10.40 -6.39 12.27
CA LEU A 91 9.48 -7.32 11.65
C LEU A 91 10.27 -8.24 10.71
N ILE A 92 10.14 -9.54 10.91
CA ILE A 92 10.70 -10.49 9.96
C ILE A 92 9.58 -10.80 8.97
N LEU A 93 9.68 -10.25 7.77
CA LEU A 93 8.64 -10.29 6.75
C LEU A 93 9.03 -11.20 5.59
N GLU A 94 8.01 -11.67 4.87
CA GLU A 94 8.25 -12.42 3.64
C GLU A 94 9.17 -11.61 2.72
N LEU A 95 10.15 -12.30 2.13
CA LEU A 95 11.08 -11.66 1.21
C LEU A 95 10.40 -11.47 -0.15
N VAL A 96 10.26 -10.22 -0.56
CA VAL A 96 9.74 -9.87 -1.87
C VAL A 96 10.88 -9.16 -2.58
N ALA A 97 11.49 -9.85 -3.55
CA ALA A 97 12.81 -9.51 -4.06
C ALA A 97 12.82 -8.93 -5.47
N GLY A 98 11.66 -8.83 -6.14
CA GLY A 98 11.58 -8.37 -7.51
C GLY A 98 11.46 -6.87 -7.69
N GLY A 99 11.53 -6.09 -6.63
CA GLY A 99 11.46 -4.64 -6.74
C GLY A 99 10.05 -4.14 -7.00
N GLU A 100 9.97 -2.81 -7.13
CA GLU A 100 8.69 -2.12 -7.30
C GLU A 100 8.15 -2.29 -8.70
N LEU A 101 6.82 -2.36 -8.80
CA LEU A 101 6.16 -2.36 -10.11
C LEU A 101 6.38 -1.00 -10.78
N SER A 110 5.06 2.64 -19.97
CA SER A 110 3.62 2.37 -20.07
C SER A 110 3.37 0.99 -20.70
N LEU A 111 2.33 0.30 -20.23
CA LEU A 111 2.04 -1.07 -20.58
C LEU A 111 0.88 -1.16 -21.56
N THR A 112 0.80 -2.29 -22.25
CA THR A 112 -0.43 -2.69 -22.92
C THR A 112 -1.53 -2.91 -21.88
N GLU A 113 -2.79 -2.92 -22.35
CA GLU A 113 -3.89 -3.12 -21.41
C GLU A 113 -3.90 -4.53 -20.84
N GLU A 114 -3.46 -5.53 -21.62
CA GLU A 114 -3.40 -6.88 -21.08
C GLU A 114 -2.37 -6.99 -19.96
N GLU A 115 -1.19 -6.39 -20.16
CA GLU A 115 -0.18 -6.38 -19.10
C GLU A 115 -0.69 -5.63 -17.88
N ALA A 116 -1.24 -4.43 -18.10
CA ALA A 116 -1.76 -3.63 -16.99
C ALA A 116 -2.85 -4.38 -16.22
N THR A 117 -3.81 -4.98 -16.93
CA THR A 117 -4.87 -5.70 -16.22
C THR A 117 -4.36 -6.96 -15.54
N GLU A 118 -3.30 -7.57 -16.08
CA GLU A 118 -2.71 -8.72 -15.41
C GLU A 118 -2.18 -8.34 -14.03
N PHE A 119 -1.49 -7.20 -13.94
CA PHE A 119 -1.06 -6.73 -12.62
C PHE A 119 -2.23 -6.18 -11.82
N LEU A 120 -3.09 -5.38 -12.45
CA LEU A 120 -4.19 -4.79 -11.72
C LEU A 120 -5.05 -5.85 -11.06
N LYS A 121 -5.32 -6.95 -11.77
CA LYS A 121 -6.16 -8.00 -11.21
C LYS A 121 -5.57 -8.57 -9.92
N GLN A 122 -4.23 -8.72 -9.88
CA GLN A 122 -3.60 -9.20 -8.67
C GLN A 122 -3.73 -8.18 -7.55
N ILE A 123 -3.55 -6.90 -7.87
CA ILE A 123 -3.76 -5.85 -6.88
C ILE A 123 -5.19 -5.91 -6.36
N LEU A 124 -6.17 -6.04 -7.27
CA LEU A 124 -7.56 -6.11 -6.84
C LEU A 124 -7.82 -7.34 -5.98
N ASN A 125 -7.26 -8.49 -6.35
CA ASN A 125 -7.46 -9.68 -5.53
C ASN A 125 -6.93 -9.47 -4.11
N GLY A 126 -5.75 -8.86 -4.00
CA GLY A 126 -5.20 -8.58 -2.68
C GLY A 126 -6.04 -7.60 -1.89
N VAL A 127 -6.48 -6.51 -2.54
CA VAL A 127 -7.33 -5.54 -1.87
C VAL A 127 -8.68 -6.14 -1.52
N TYR A 128 -9.19 -7.05 -2.35
CA TYR A 128 -10.46 -7.71 -2.03
C TYR A 128 -10.33 -8.50 -0.74
N TYR A 129 -9.22 -9.23 -0.60
CA TYR A 129 -8.93 -9.96 0.64
C TYR A 129 -8.90 -9.01 1.84
N LEU A 130 -8.14 -7.91 1.72
CA LEU A 130 -8.01 -6.97 2.83
C LEU A 130 -9.37 -6.37 3.19
N HIS A 131 -10.08 -5.86 2.19
CA HIS A 131 -11.37 -5.20 2.45
C HIS A 131 -12.39 -6.18 2.98
N SER A 132 -12.34 -7.44 2.54
CA SER A 132 -13.21 -8.46 3.12
C SER A 132 -12.94 -8.62 4.61
N LEU A 133 -11.71 -8.39 5.05
CA LEU A 133 -11.39 -8.43 6.47
C LEU A 133 -11.54 -7.08 7.14
N GLN A 134 -12.13 -6.10 6.44
CA GLN A 134 -12.31 -4.74 6.95
C GLN A 134 -10.98 -4.04 7.22
N ILE A 135 -9.95 -4.37 6.45
CA ILE A 135 -8.64 -3.73 6.55
C ILE A 135 -8.52 -2.73 5.42
N ALA A 136 -8.38 -1.45 5.77
CA ALA A 136 -8.01 -0.44 4.81
C ALA A 136 -6.50 -0.29 4.85
N HIS A 137 -5.88 -0.31 3.67
CA HIS A 137 -4.43 -0.19 3.58
C HIS A 137 -3.98 1.25 3.81
N PHE A 138 -4.64 2.19 3.13
CA PHE A 138 -4.44 3.62 3.30
C PHE A 138 -3.11 4.13 2.77
N ASP A 139 -2.30 3.31 2.11
CA ASP A 139 -1.02 3.77 1.56
C ASP A 139 -0.73 3.05 0.25
N LEU A 140 -1.77 2.81 -0.56
CA LEU A 140 -1.59 2.11 -1.82
C LEU A 140 -1.01 3.08 -2.84
N LYS A 141 0.13 2.71 -3.42
CA LYS A 141 0.84 3.50 -4.41
C LYS A 141 1.87 2.58 -5.06
N PRO A 142 2.35 2.93 -6.26
CA PRO A 142 3.26 2.01 -6.96
C PRO A 142 4.44 1.55 -6.12
N GLU A 143 4.95 2.43 -5.24
CA GLU A 143 6.08 2.08 -4.39
C GLU A 143 5.75 0.93 -3.45
N ASN A 144 4.46 0.73 -3.15
CA ASN A 144 4.02 -0.30 -2.22
C ASN A 144 3.45 -1.51 -2.92
N ILE A 145 3.66 -1.61 -4.22
CA ILE A 145 3.28 -2.75 -5.04
C ILE A 145 4.60 -3.35 -5.52
N MET A 146 5.03 -4.45 -4.92
CA MET A 146 6.31 -5.09 -5.25
C MET A 146 6.05 -6.36 -6.03
N LEU A 147 7.11 -6.86 -6.68
CA LEU A 147 7.06 -8.11 -7.42
C LEU A 147 7.88 -9.17 -6.70
N LEU A 148 7.48 -10.43 -6.86
CA LEU A 148 8.29 -11.54 -6.34
C LEU A 148 9.47 -11.87 -7.25
N ASP A 149 9.24 -11.93 -8.56
CA ASP A 149 10.33 -12.08 -9.53
C ASP A 149 10.04 -11.18 -10.72
N ARG A 150 10.92 -10.22 -10.95
CA ARG A 150 10.80 -9.38 -12.13
C ARG A 150 11.50 -10.05 -13.32
N LYS A 154 4.80 -12.15 -16.76
CA LYS A 154 3.69 -12.28 -15.81
C LYS A 154 4.18 -12.60 -14.39
N PRO A 155 4.72 -11.59 -13.71
CA PRO A 155 5.22 -11.78 -12.34
C PRO A 155 4.12 -11.66 -11.30
N ARG A 156 4.42 -12.16 -10.10
CA ARG A 156 3.50 -12.14 -8.98
C ARG A 156 3.74 -10.90 -8.13
N ILE A 157 2.67 -10.15 -7.86
CA ILE A 157 2.82 -8.93 -7.10
C ILE A 157 2.38 -9.17 -5.65
N LYS A 158 2.94 -8.34 -4.77
CA LYS A 158 2.69 -8.40 -3.35
C LYS A 158 2.49 -6.97 -2.87
N ILE A 159 1.37 -6.73 -2.20
CA ILE A 159 1.12 -5.44 -1.55
C ILE A 159 1.95 -5.40 -0.28
N ILE A 160 2.71 -4.33 -0.09
CA ILE A 160 3.58 -4.21 1.09
C ILE A 160 3.25 -2.98 1.90
N ASP A 161 3.94 -2.81 3.04
CA ASP A 161 3.92 -1.59 3.84
C ASP A 161 2.58 -1.30 4.49
N PHE A 162 2.31 -1.96 5.60
CA PHE A 162 1.06 -1.79 6.34
C PHE A 162 1.17 -0.75 7.45
N GLY A 163 2.07 0.22 7.31
CA GLY A 163 2.30 1.22 8.33
C GLY A 163 1.16 2.18 8.56
N LEU A 164 0.26 2.32 7.58
CA LEU A 164 -0.92 3.17 7.76
C LEU A 164 -2.21 2.37 7.84
N ALA A 165 -2.14 1.05 7.72
CA ALA A 165 -3.33 0.23 7.63
C ALA A 165 -4.12 0.28 8.94
N HIS A 166 -5.46 0.27 8.81
CA HIS A 166 -6.36 0.30 9.96
C HIS A 166 -7.49 -0.67 9.75
N LYS A 167 -7.92 -1.31 10.83
CA LYS A 167 -9.18 -2.03 10.82
C LYS A 167 -10.33 -1.03 10.85
N ILE A 168 -11.33 -1.27 10.00
CA ILE A 168 -12.47 -0.36 9.88
C ILE A 168 -13.69 -1.09 10.40
N ASP A 169 -13.88 -1.10 11.73
CA ASP A 169 -14.95 -1.85 12.35
C ASP A 169 -16.31 -1.15 12.28
N PHE A 170 -16.33 0.17 12.09
CA PHE A 170 -17.55 0.96 12.09
C PHE A 170 -17.79 1.65 10.74
N GLY A 171 -17.29 1.06 9.66
CA GLY A 171 -17.49 1.66 8.35
C GLY A 171 -16.57 2.84 8.07
N ASN A 172 -16.09 3.52 9.10
CA ASN A 172 -15.13 4.60 8.90
C ASN A 172 -14.27 4.78 10.14
N GLU A 173 -13.16 5.48 9.95
CA GLU A 173 -12.22 5.81 11.01
C GLU A 173 -11.88 7.29 10.92
N PHE A 174 -11.62 7.90 12.09
CA PHE A 174 -11.34 9.33 12.18
C PHE A 174 -10.05 9.48 12.98
N LYS A 175 -8.92 9.40 12.31
CA LYS A 175 -7.61 9.36 12.95
C LYS A 175 -6.67 10.30 12.21
N ASN A 176 -5.42 10.36 12.70
CA ASN A 176 -4.34 11.06 11.99
C ASN A 176 -3.80 10.09 10.94
N ILE A 177 -4.35 10.17 9.73
CA ILE A 177 -4.01 9.26 8.64
C ILE A 177 -3.84 10.11 7.38
N PHE A 178 -2.65 10.06 6.78
CA PHE A 178 -2.34 10.87 5.61
C PHE A 178 -1.11 10.29 4.93
N GLY A 179 -1.27 9.82 3.71
CA GLY A 179 -0.17 9.25 2.92
C GLY A 179 0.44 10.26 1.98
N THR A 180 0.81 9.79 0.74
CA THR A 180 1.51 10.53 -0.32
C THR A 180 0.51 11.31 -1.15
N PRO A 181 0.68 12.63 -1.27
CA PRO A 181 -0.35 13.46 -1.93
C PRO A 181 -0.84 12.98 -3.29
N GLU A 182 0.04 12.53 -4.17
CA GLU A 182 -0.39 12.08 -5.50
C GLU A 182 -1.42 10.96 -5.44
N PHE A 183 -1.49 10.22 -4.32
CA PHE A 183 -2.26 9.00 -4.26
C PHE A 183 -3.40 9.00 -3.25
N VAL A 184 -3.54 10.04 -2.44
CA VAL A 184 -4.55 10.03 -1.40
C VAL A 184 -5.88 10.51 -1.97
N ALA A 185 -6.96 9.99 -1.40
CA ALA A 185 -8.31 10.32 -1.81
C ALA A 185 -8.69 11.69 -1.27
N PRO A 186 -9.70 12.34 -1.87
CA PRO A 186 -10.12 13.66 -1.36
C PRO A 186 -10.49 13.67 0.11
N GLU A 187 -11.08 12.59 0.64
CA GLU A 187 -11.46 12.58 2.05
C GLU A 187 -10.23 12.63 2.96
N ILE A 188 -9.11 12.06 2.53
CA ILE A 188 -7.85 12.22 3.26
C ILE A 188 -7.38 13.67 3.21
N VAL A 189 -7.36 14.26 2.01
CA VAL A 189 -6.94 15.66 1.86
C VAL A 189 -7.78 16.58 2.73
N ASN A 190 -9.08 16.33 2.81
CA ASN A 190 -10.01 17.16 3.56
C ASN A 190 -10.20 16.71 5.01
N TYR A 191 -9.41 15.76 5.48
CA TYR A 191 -9.43 15.34 6.88
C TYR A 191 -10.80 14.87 7.32
N GLU A 192 -11.49 14.14 6.45
CA GLU A 192 -12.81 13.60 6.73
C GLU A 192 -12.70 12.17 7.21
N PRO A 193 -13.79 11.59 7.75
CA PRO A 193 -13.74 10.19 8.14
C PRO A 193 -13.40 9.32 6.94
N LEU A 194 -12.67 8.24 7.18
CA LEU A 194 -12.06 7.45 6.13
C LEU A 194 -12.51 6.01 6.24
N GLY A 195 -12.78 5.40 5.10
CA GLY A 195 -13.11 3.99 5.09
C GLY A 195 -12.39 3.25 3.98
N LEU A 196 -12.92 2.09 3.62
CA LEU A 196 -12.33 1.29 2.56
C LEU A 196 -12.31 2.02 1.23
N GLU A 197 -13.20 3.00 1.03
CA GLU A 197 -13.30 3.69 -0.24
C GLU A 197 -12.01 4.41 -0.62
N ALA A 198 -11.23 4.86 0.38
CA ALA A 198 -10.01 5.59 0.06
C ALA A 198 -9.05 4.73 -0.75
N ASP A 199 -8.96 3.43 -0.41
CA ASP A 199 -8.10 2.53 -1.18
C ASP A 199 -8.55 2.46 -2.63
N MET A 200 -9.86 2.53 -2.87
CA MET A 200 -10.36 2.39 -4.24
C MET A 200 -9.99 3.60 -5.08
N TRP A 201 -10.03 4.80 -4.48
CA TRP A 201 -9.46 5.96 -5.16
C TRP A 201 -8.01 5.72 -5.52
N SER A 202 -7.20 5.25 -4.58
CA SER A 202 -5.78 5.07 -4.87
C SER A 202 -5.56 4.09 -6.01
N ILE A 203 -6.38 3.05 -6.08
CA ILE A 203 -6.31 2.09 -7.19
C ILE A 203 -6.58 2.78 -8.52
N GLY A 204 -7.51 3.74 -8.53
CA GLY A 204 -7.77 4.48 -9.76
C GLY A 204 -6.57 5.28 -10.21
N VAL A 205 -5.89 5.93 -9.27
CA VAL A 205 -4.65 6.64 -9.57
C VAL A 205 -3.61 5.68 -10.13
N ILE A 206 -3.40 4.57 -9.44
CA ILE A 206 -2.45 3.55 -9.89
C ILE A 206 -2.77 3.09 -11.30
N THR A 207 -4.06 2.85 -11.60
CA THR A 207 -4.45 2.39 -12.93
C THR A 207 -4.16 3.47 -13.98
N TYR A 208 -4.42 4.73 -13.64
CA TYR A 208 -4.11 5.82 -14.57
C TYR A 208 -2.63 5.83 -14.93
N ILE A 209 -1.75 5.74 -13.92
CA ILE A 209 -0.31 5.75 -14.18
C ILE A 209 0.11 4.49 -14.92
N LEU A 210 -0.45 3.34 -14.57
CA LEU A 210 -0.11 2.08 -15.25
C LEU A 210 -0.31 2.20 -16.75
N LEU A 211 -1.40 2.84 -17.17
CA LEU A 211 -1.76 2.88 -18.58
C LEU A 211 -1.05 4.00 -19.35
N SER A 212 -0.61 5.04 -18.67
CA SER A 212 -0.15 6.25 -19.35
C SER A 212 1.26 6.67 -19.01
N GLY A 213 1.80 6.27 -17.87
CA GLY A 213 3.08 6.75 -17.40
C GLY A 213 3.02 8.10 -16.73
N ALA A 214 1.83 8.68 -16.59
CA ALA A 214 1.67 10.03 -16.06
C ALA A 214 0.78 9.99 -14.82
N SER A 215 1.00 10.94 -13.92
CA SER A 215 0.26 11.02 -12.65
C SER A 215 -0.92 11.97 -12.81
N PRO A 216 -2.16 11.55 -12.48
CA PRO A 216 -3.33 12.36 -12.88
C PRO A 216 -3.49 13.69 -12.14
N PHE A 217 -3.02 13.79 -10.89
CA PHE A 217 -3.23 14.98 -10.08
C PHE A 217 -1.95 15.73 -9.76
N LEU A 218 -0.81 15.27 -10.26
CA LEU A 218 0.47 15.78 -9.76
C LEU A 218 0.65 17.24 -10.16
N GLY A 219 0.87 18.11 -9.18
CA GLY A 219 1.24 19.47 -9.42
C GLY A 219 2.72 19.71 -9.18
N ASP A 220 3.09 21.00 -9.18
CA ASP A 220 4.49 21.38 -8.99
C ASP A 220 4.92 21.34 -7.53
N THR A 221 3.97 21.42 -6.60
CA THR A 221 4.25 21.33 -5.19
C THR A 221 3.24 20.36 -4.58
N LYS A 222 3.53 19.92 -3.35
CA LYS A 222 2.59 19.03 -2.66
C LYS A 222 1.24 19.70 -2.46
N GLN A 223 1.22 20.98 -2.10
CA GLN A 223 -0.07 21.65 -1.88
C GLN A 223 -0.89 21.70 -3.16
N GLU A 224 -0.25 21.98 -4.30
CA GLU A 224 -0.94 21.95 -5.58
C GLU A 224 -1.54 20.57 -5.84
N THR A 225 -0.76 19.52 -5.60
CA THR A 225 -1.27 18.17 -5.83
C THR A 225 -2.50 17.90 -4.98
N LEU A 226 -2.44 18.27 -3.71
CA LEU A 226 -3.57 18.07 -2.80
C LEU A 226 -4.77 18.88 -3.23
N ALA A 227 -4.55 20.10 -3.70
CA ALA A 227 -5.67 20.91 -4.19
C ALA A 227 -6.31 20.27 -5.41
N ASN A 228 -5.47 19.72 -6.30
CA ASN A 228 -5.97 19.02 -7.48
C ASN A 228 -6.78 17.80 -7.08
N VAL A 229 -6.28 17.00 -6.14
CA VAL A 229 -7.01 15.84 -5.65
C VAL A 229 -8.39 16.25 -5.14
N SER A 230 -8.44 17.28 -4.31
CA SER A 230 -9.71 17.66 -3.69
C SER A 230 -10.71 18.13 -4.72
N ALA A 231 -10.24 18.78 -5.78
CA ALA A 231 -11.07 19.32 -6.84
C ALA A 231 -11.36 18.30 -7.93
N VAL A 232 -10.84 17.07 -7.81
CA VAL A 232 -10.90 16.06 -8.84
C VAL A 232 -10.41 16.66 -10.16
N ASN A 233 -9.25 17.32 -10.10
CA ASN A 233 -8.64 18.02 -11.24
C ASN A 233 -7.73 17.04 -12.00
N TYR A 234 -8.36 16.19 -12.80
CA TYR A 234 -7.63 15.32 -13.72
C TYR A 234 -8.41 15.18 -15.03
N GLU A 235 -7.69 14.79 -16.09
CA GLU A 235 -8.31 14.47 -17.36
C GLU A 235 -7.45 13.44 -18.07
N PHE A 236 -8.06 12.71 -18.99
CA PHE A 236 -7.33 11.78 -19.84
C PHE A 236 -6.70 12.57 -20.98
N GLU A 237 -5.36 12.65 -21.01
CA GLU A 237 -4.67 13.34 -22.10
C GLU A 237 -4.64 12.44 -23.34
N ASP A 238 -5.15 12.96 -24.45
CA ASP A 238 -5.18 12.19 -25.69
C ASP A 238 -3.78 11.69 -26.10
N GLU A 239 -2.74 12.48 -25.85
CA GLU A 239 -1.40 12.04 -26.22
C GLU A 239 -1.02 10.75 -25.50
N TYR A 240 -1.56 10.56 -24.29
CA TYR A 240 -1.27 9.40 -23.46
C TYR A 240 -2.29 8.28 -23.62
N PHE A 241 -3.54 8.61 -23.92
CA PHE A 241 -4.63 7.64 -23.87
C PHE A 241 -5.26 7.36 -25.23
N SER A 242 -4.67 7.84 -26.33
CA SER A 242 -5.36 7.77 -27.62
C SER A 242 -5.62 6.33 -28.07
N ASN A 243 -4.77 5.39 -27.67
CA ASN A 243 -4.97 3.99 -28.02
C ASN A 243 -5.46 3.16 -26.85
N THR A 244 -5.83 3.80 -25.74
CA THR A 244 -6.39 3.13 -24.59
C THR A 244 -7.89 2.98 -24.78
N SER A 245 -8.44 1.83 -24.37
CA SER A 245 -9.85 1.58 -24.65
C SER A 245 -10.73 2.49 -23.81
N ALA A 246 -11.93 2.77 -24.32
CA ALA A 246 -12.87 3.56 -23.53
C ALA A 246 -13.29 2.84 -22.26
N LEU A 247 -13.29 1.50 -22.27
CA LEU A 247 -13.66 0.75 -21.06
C LEU A 247 -12.62 0.91 -19.97
N ALA A 248 -11.34 0.92 -20.35
CA ALA A 248 -10.29 1.25 -19.38
C ALA A 248 -10.53 2.61 -18.75
N LYS A 249 -10.82 3.62 -19.58
CA LYS A 249 -11.11 4.95 -19.05
C LYS A 249 -12.32 4.95 -18.14
N ASP A 250 -13.36 4.19 -18.52
CA ASP A 250 -14.55 4.06 -17.68
C ASP A 250 -14.20 3.50 -16.30
N PHE A 251 -13.37 2.46 -16.23
CA PHE A 251 -12.91 1.91 -14.96
C PHE A 251 -12.28 2.98 -14.07
N ILE A 252 -11.34 3.75 -14.63
CA ILE A 252 -10.70 4.81 -13.86
C ILE A 252 -11.69 5.87 -13.42
N ARG A 253 -12.58 6.27 -14.34
CA ARG A 253 -13.52 7.35 -14.06
C ARG A 253 -14.45 7.00 -12.91
N ARG A 254 -14.80 5.72 -12.76
CA ARG A 254 -15.68 5.31 -11.67
C ARG A 254 -14.97 5.10 -10.35
N LEU A 255 -13.63 5.17 -10.34
CA LEU A 255 -12.85 5.19 -9.11
C LEU A 255 -12.46 6.59 -8.67
N LEU A 256 -12.11 7.47 -9.61
CA LEU A 256 -11.70 8.84 -9.27
C LEU A 256 -12.94 9.74 -9.11
N VAL A 257 -13.72 9.38 -8.09
CA VAL A 257 -15.01 10.02 -7.80
C VAL A 257 -14.91 10.61 -6.41
N LYS A 258 -15.28 11.88 -6.27
CA LYS A 258 -15.04 12.59 -5.02
C LYS A 258 -15.88 12.00 -3.87
N ASP A 259 -17.15 11.74 -4.13
CA ASP A 259 -18.03 11.20 -3.10
C ASP A 259 -17.68 9.73 -2.87
N PRO A 260 -17.15 9.36 -1.70
CA PRO A 260 -16.78 7.96 -1.48
C PRO A 260 -17.94 7.02 -1.66
N LYS A 261 -19.17 7.47 -1.38
CA LYS A 261 -20.33 6.61 -1.50
C LYS A 261 -20.64 6.26 -2.96
N LYS A 262 -20.24 7.13 -3.90
CA LYS A 262 -20.50 6.88 -5.31
C LYS A 262 -19.35 6.17 -6.01
N ARG A 263 -18.21 6.01 -5.33
CA ARG A 263 -17.04 5.37 -5.92
C ARG A 263 -17.26 3.85 -6.00
N MET A 264 -16.70 3.22 -7.04
CA MET A 264 -16.75 1.76 -7.10
C MET A 264 -16.10 1.16 -5.86
N THR A 265 -16.75 0.12 -5.31
CA THR A 265 -16.14 -0.70 -4.26
C THR A 265 -15.22 -1.72 -4.90
N ILE A 266 -14.48 -2.45 -4.06
CA ILE A 266 -13.60 -3.50 -4.57
C ILE A 266 -14.43 -4.57 -5.28
N GLN A 267 -15.60 -4.90 -4.76
CA GLN A 267 -16.46 -5.87 -5.47
C GLN A 267 -16.93 -5.31 -6.81
N ASP A 268 -17.32 -4.03 -6.84
CA ASP A 268 -17.69 -3.40 -8.11
C ASP A 268 -16.54 -3.49 -9.10
N SER A 269 -15.32 -3.21 -8.64
CA SER A 269 -14.17 -3.17 -9.54
C SER A 269 -13.91 -4.54 -10.14
N LEU A 270 -14.18 -5.62 -9.40
CA LEU A 270 -13.98 -6.97 -9.93
C LEU A 270 -15.06 -7.37 -10.93
N GLN A 271 -16.25 -6.78 -10.85
CA GLN A 271 -17.34 -7.08 -11.77
C GLN A 271 -17.39 -6.13 -12.96
N HIS A 272 -16.55 -5.10 -12.97
CA HIS A 272 -16.57 -4.11 -14.04
C HIS A 272 -16.17 -4.80 -15.35
N PRO A 273 -16.83 -4.45 -16.47
CA PRO A 273 -16.56 -5.16 -17.73
C PRO A 273 -15.11 -5.16 -18.20
N TRP A 274 -14.29 -4.19 -17.80
CA TRP A 274 -12.88 -4.21 -18.19
C TRP A 274 -12.11 -5.31 -17.44
N ILE A 275 -12.62 -5.73 -16.30
CA ILE A 275 -11.93 -6.69 -15.44
C ILE A 275 -12.57 -8.06 -15.51
N LYS A 276 -13.91 -8.13 -15.47
CA LYS A 276 -14.60 -9.40 -15.36
C LYS A 276 -14.35 -10.24 -16.62
N PRO A 277 -14.05 -11.55 -16.47
CA PRO A 277 -13.90 -12.42 -17.64
C PRO A 277 -15.23 -12.69 -18.31
S SO4 B . 17.01 0.24 30.76
O1 SO4 B . 15.76 0.77 30.21
O2 SO4 B . 18.13 0.60 29.89
O3 SO4 B . 17.22 0.80 32.09
O4 SO4 B . 16.95 -1.23 30.85
#